data_7FEX
#
_entry.id   7FEX
#
_cell.length_a   64.991
_cell.length_b   64.991
_cell.length_c   344.018
_cell.angle_alpha   90.000
_cell.angle_beta   90.000
_cell.angle_gamma   120.000
#
_symmetry.space_group_name_H-M   'P 61 2 2'
#
loop_
_entity.id
_entity.type
_entity.pdbx_description
1 polymer SLFN11
2 water water
#
_entity_poly.entity_id   1
_entity_poly.type   'polypeptide(L)'
_entity_poly.pdbx_seq_one_letter_code
;GS(MSE)S(MSE)EKPDSSF(MSE)LESSYPDLVINIGKVTLGEGNRKKLQKFQREEEKAKVVKAACALLNSGGGVIQLE
(MSE)ANNDKHPVE(MSE)GLDLEESLRTLTQSLNLEAFFKTKQEGKCYYIFVKSWSSDLFTEDSSFKPRICSLSSSLYI
RSGTSVLL(MSE)NSRDAFHFLNTRK(MSE)NAKNDLHSPYEFFQKDHLEYGEIVPFPESQSIEFKQFSTKRIQEYVKSI
IPEYISAFANTEEGGSLFIGVDDKSKKVLGCAKEKVDCDSLKKTIENAIYKLPCVHFCQSQCQIDFTVKILNVLAKGELY
GYACVIEVKPFCGAIFSEAPRSW(MSE)VKDKLICPLATQDWVN(MSE)(MSE)LDTDP
;
_entity_poly.pdbx_strand_id   A
#
# COMPACT_ATOMS: atom_id res chain seq x y z
N ASP A 9 -6.01 23.33 -3.98
CA ASP A 9 -4.76 22.89 -3.37
C ASP A 9 -4.39 21.49 -3.84
N SER A 10 -4.17 21.35 -5.15
CA SER A 10 -3.81 20.07 -5.75
C SER A 10 -2.80 20.29 -6.86
N SER A 11 -2.06 19.23 -7.17
CA SER A 11 -1.06 19.27 -8.22
C SER A 11 -1.63 18.97 -9.61
N PHE A 12 -2.95 18.90 -9.72
CA PHE A 12 -3.61 18.58 -10.99
C PHE A 12 -4.59 19.68 -11.36
N MSE A 13 -4.61 20.03 -12.63
CA MSE A 13 -5.61 20.95 -13.17
C MSE A 13 -6.41 20.20 -14.23
O MSE A 13 -5.84 19.66 -15.17
CB MSE A 13 -4.97 22.20 -13.75
CG MSE A 13 -5.96 23.28 -14.16
SE MSE A 13 -6.93 24.02 -12.63
CE MSE A 13 -6.20 25.83 -12.65
N LEU A 14 -7.73 20.19 -14.06
CA LEU A 14 -8.62 19.51 -15.01
C LEU A 14 -9.15 20.56 -15.99
N GLU A 15 -8.64 20.51 -17.22
CA GLU A 15 -8.87 21.53 -18.22
C GLU A 15 -10.20 21.36 -18.96
N SER A 16 -10.59 20.13 -19.28
CA SER A 16 -11.80 19.90 -20.05
C SER A 16 -12.35 18.51 -19.74
N SER A 17 -13.65 18.35 -19.95
CA SER A 17 -14.35 17.12 -19.61
C SER A 17 -14.50 16.22 -20.84
N TYR A 18 -15.16 15.10 -20.64
CA TYR A 18 -15.45 14.15 -21.71
C TYR A 18 -16.19 14.86 -22.84
N PRO A 19 -15.89 14.56 -24.11
CA PRO A 19 -14.91 13.56 -24.57
C PRO A 19 -13.51 14.09 -24.94
N ASP A 20 -13.22 15.36 -24.66
CA ASP A 20 -11.85 15.84 -24.79
C ASP A 20 -11.25 16.07 -23.41
N LEU A 21 -11.14 14.99 -22.64
CA LEU A 21 -10.67 15.07 -21.26
C LEU A 21 -9.17 15.36 -21.23
N VAL A 22 -8.78 16.38 -20.45
CA VAL A 22 -7.39 16.80 -20.36
C VAL A 22 -7.08 17.10 -18.89
N ILE A 23 -5.97 16.55 -18.40
CA ILE A 23 -5.52 16.77 -17.04
C ILE A 23 -4.15 17.43 -17.11
N ASN A 24 -4.06 18.67 -16.65
CA ASN A 24 -2.78 19.38 -16.58
C ASN A 24 -2.07 18.97 -15.29
N ILE A 25 -0.91 18.33 -15.44
CA ILE A 25 -0.16 17.84 -14.29
C ILE A 25 1.03 18.76 -13.95
N GLY A 26 1.00 20.00 -14.43
CA GLY A 26 2.09 20.90 -14.11
C GLY A 26 3.39 20.48 -14.76
N LYS A 27 4.49 20.69 -14.06
CA LYS A 27 5.83 20.49 -14.61
C LYS A 27 6.36 19.11 -14.28
N VAL A 28 7.03 18.50 -15.25
CA VAL A 28 7.67 17.20 -15.11
C VAL A 28 8.98 17.22 -15.88
N THR A 29 10.00 16.56 -15.34
CA THR A 29 11.31 16.47 -15.99
C THR A 29 11.34 15.24 -16.90
N LEU A 30 11.76 15.44 -18.15
CA LEU A 30 11.84 14.38 -19.14
C LEU A 30 13.28 14.10 -19.52
N GLY A 31 13.54 12.86 -19.94
CA GLY A 31 14.88 12.46 -20.34
C GLY A 31 15.58 11.62 -19.29
N GLU A 32 16.23 10.53 -19.71
CA GLU A 32 16.86 9.64 -18.73
C GLU A 32 18.04 10.30 -18.06
N GLY A 33 18.81 11.09 -18.80
CA GLY A 33 19.95 11.78 -18.20
C GLY A 33 19.52 12.81 -17.18
N ASN A 34 18.53 13.64 -17.55
CA ASN A 34 18.06 14.68 -16.65
C ASN A 34 17.39 14.11 -15.41
N ARG A 35 16.77 12.93 -15.52
CA ARG A 35 16.02 12.38 -14.39
C ARG A 35 16.90 11.64 -13.41
N LYS A 36 18.03 11.09 -13.86
CA LYS A 36 18.99 10.52 -12.93
C LYS A 36 19.65 11.60 -12.08
N LYS A 37 19.83 12.80 -12.65
CA LYS A 37 20.47 13.89 -11.92
C LYS A 37 19.55 14.45 -10.83
N LEU A 38 18.24 14.30 -10.99
CA LEU A 38 17.29 14.82 -10.02
C LEU A 38 17.51 14.17 -8.65
N GLN A 39 17.09 14.89 -7.61
CA GLN A 39 17.04 14.29 -6.29
C GLN A 39 15.94 13.25 -6.23
N LYS A 40 15.97 12.41 -5.19
CA LYS A 40 14.99 11.35 -5.07
C LYS A 40 13.59 11.91 -4.95
N PHE A 41 13.41 12.98 -4.15
CA PHE A 41 12.08 13.52 -3.96
C PHE A 41 11.55 14.17 -5.23
N GLN A 42 12.42 14.81 -6.02
CA GLN A 42 11.98 15.40 -7.27
C GLN A 42 11.60 14.32 -8.29
N ARG A 43 12.40 13.24 -8.35
CA ARG A 43 12.13 12.19 -9.32
C ARG A 43 10.86 11.41 -8.96
N GLU A 44 10.65 11.13 -7.68
CA GLU A 44 9.51 10.31 -7.27
C GLU A 44 8.20 11.08 -7.34
N GLU A 45 8.18 12.33 -6.85
CA GLU A 45 6.94 13.10 -6.84
C GLU A 45 6.45 13.38 -8.26
N GLU A 46 7.38 13.63 -9.18
CA GLU A 46 6.99 13.80 -10.58
C GLU A 46 6.39 12.53 -11.15
N LYS A 47 7.01 11.37 -10.86
CA LYS A 47 6.47 10.11 -11.33
C LYS A 47 5.09 9.83 -10.74
N ALA A 48 4.85 10.29 -9.51
CA ALA A 48 3.54 10.13 -8.90
C ALA A 48 2.47 10.87 -9.69
N LYS A 49 2.75 12.13 -10.05
CA LYS A 49 1.80 12.91 -10.84
C LYS A 49 1.46 12.22 -12.16
N VAL A 50 2.47 11.66 -12.83
CA VAL A 50 2.24 11.01 -14.12
C VAL A 50 1.41 9.74 -13.93
N VAL A 51 1.78 8.91 -12.96
CA VAL A 51 1.08 7.64 -12.77
C VAL A 51 -0.36 7.89 -12.32
N LYS A 52 -0.55 8.80 -11.38
CA LYS A 52 -1.90 9.08 -10.87
C LYS A 52 -2.80 9.62 -11.97
N ALA A 53 -2.26 10.46 -12.85
CA ALA A 53 -3.06 11.00 -13.94
C ALA A 53 -3.36 9.93 -14.98
N ALA A 54 -2.34 9.16 -15.37
CA ALA A 54 -2.55 8.11 -16.36
C ALA A 54 -3.55 7.07 -15.87
N CYS A 55 -3.50 6.74 -14.58
CA CYS A 55 -4.47 5.80 -14.03
C CYS A 55 -5.88 6.37 -14.06
N ALA A 56 -6.01 7.67 -13.76
CA ALA A 56 -7.33 8.32 -13.81
C ALA A 56 -7.91 8.28 -15.22
N LEU A 57 -7.07 8.60 -16.22
CA LEU A 57 -7.55 8.56 -17.60
C LEU A 57 -7.94 7.15 -18.02
N LEU A 58 -7.11 6.17 -17.68
CA LEU A 58 -7.39 4.79 -18.06
C LEU A 58 -8.75 4.33 -17.57
N ASN A 59 -9.10 4.66 -16.33
CA ASN A 59 -10.35 4.23 -15.73
C ASN A 59 -11.54 5.14 -16.05
N SER A 60 -11.32 6.21 -16.81
CA SER A 60 -12.34 7.23 -17.01
C SER A 60 -12.69 7.45 -18.48
N GLY A 61 -12.31 6.53 -19.36
CA GLY A 61 -12.70 6.63 -20.75
C GLY A 61 -11.74 7.37 -21.65
N GLY A 62 -10.45 7.40 -21.31
CA GLY A 62 -9.45 8.00 -22.16
C GLY A 62 -9.26 9.49 -21.92
N GLY A 63 -8.20 10.01 -22.51
CA GLY A 63 -7.87 11.42 -22.38
C GLY A 63 -6.41 11.65 -22.69
N VAL A 64 -5.95 12.84 -22.34
CA VAL A 64 -4.56 13.26 -22.56
C VAL A 64 -4.10 14.02 -21.33
N ILE A 65 -2.90 13.69 -20.84
CA ILE A 65 -2.28 14.44 -19.76
C ILE A 65 -1.50 15.59 -20.38
N GLN A 66 -1.59 16.77 -19.76
CA GLN A 66 -0.85 17.93 -20.21
C GLN A 66 0.31 18.19 -19.26
N LEU A 67 1.50 18.37 -19.81
CA LEU A 67 2.74 18.39 -19.06
C LEU A 67 3.62 19.51 -19.60
N GLU A 68 4.14 20.34 -18.70
CA GLU A 68 5.12 21.37 -19.05
C GLU A 68 6.51 20.80 -18.79
N MSE A 69 7.26 20.59 -19.86
CA MSE A 69 8.60 20.01 -19.77
C MSE A 69 9.53 20.88 -18.92
O MSE A 69 9.76 22.05 -19.24
CB MSE A 69 9.20 19.81 -21.16
CG MSE A 69 8.38 18.92 -22.07
SE MSE A 69 9.12 18.73 -23.87
CE MSE A 69 10.74 17.75 -23.43
N ALA A 70 10.05 20.30 -17.84
CA ALA A 70 10.94 21.01 -16.94
C ALA A 70 12.39 20.99 -17.40
N ASN A 71 12.77 20.05 -18.28
CA ASN A 71 14.10 20.03 -18.83
C ASN A 71 14.24 21.09 -19.92
N ASN A 72 15.42 21.69 -19.99
CA ASN A 72 15.70 22.74 -20.97
C ASN A 72 16.55 22.21 -22.12
N ASP A 73 16.10 21.13 -22.74
CA ASP A 73 16.86 20.45 -23.77
C ASP A 73 16.63 21.07 -25.14
N LYS A 74 17.72 21.22 -25.90
CA LYS A 74 17.62 21.82 -27.23
C LYS A 74 16.72 21.03 -28.16
N HIS A 75 16.66 19.72 -27.98
CA HIS A 75 15.94 18.81 -28.87
C HIS A 75 15.06 17.90 -28.05
N PRO A 76 14.10 17.21 -28.68
CA PRO A 76 13.29 16.24 -27.95
C PRO A 76 14.16 15.13 -27.36
N VAL A 77 13.72 14.61 -26.22
CA VAL A 77 14.40 13.51 -25.56
C VAL A 77 13.37 12.42 -25.26
N GLU A 78 13.88 11.23 -24.94
CA GLU A 78 13.01 10.15 -24.51
C GLU A 78 12.30 10.53 -23.22
N MSE A 79 11.20 9.82 -22.94
CA MSE A 79 10.39 10.13 -21.77
C MSE A 79 11.16 9.91 -20.47
O MSE A 79 11.12 10.75 -19.56
CB MSE A 79 9.12 9.29 -21.77
CG MSE A 79 8.24 9.51 -20.55
SE MSE A 79 6.45 8.80 -20.78
CE MSE A 79 6.91 6.92 -20.97
N GLY A 80 11.86 8.79 -20.40
CA GLY A 80 12.56 8.41 -19.18
C GLY A 80 12.21 6.99 -18.78
N LEU A 81 13.20 6.23 -18.31
CA LEU A 81 12.98 4.81 -18.06
C LEU A 81 12.03 4.57 -16.90
N ASP A 82 12.15 5.36 -15.83
CA ASP A 82 11.28 5.15 -14.68
C ASP A 82 9.82 5.46 -15.02
N LEU A 83 9.58 6.54 -15.76
CA LEU A 83 8.23 6.83 -16.22
C LEU A 83 7.76 5.77 -17.20
N GLU A 84 8.65 5.31 -18.08
CA GLU A 84 8.31 4.25 -19.02
C GLU A 84 7.91 2.98 -18.27
N GLU A 85 8.70 2.59 -17.27
CA GLU A 85 8.42 1.37 -16.53
C GLU A 85 7.08 1.44 -15.81
N SER A 86 6.71 2.63 -15.32
CA SER A 86 5.47 2.75 -14.55
C SER A 86 4.25 2.61 -15.45
N LEU A 87 4.25 3.29 -16.60
CA LEU A 87 3.11 3.18 -17.52
C LEU A 87 3.00 1.78 -18.11
N ARG A 88 4.11 1.05 -18.20
CA ARG A 88 4.07 -0.31 -18.73
C ARG A 88 3.36 -1.25 -17.75
N THR A 89 3.78 -1.24 -16.49
CA THR A 89 3.17 -2.15 -15.51
C THR A 89 1.75 -1.72 -15.18
N LEU A 90 1.49 -0.41 -15.13
CA LEU A 90 0.15 0.09 -14.86
C LEU A 90 -0.86 -0.45 -15.85
N THR A 91 -0.45 -0.67 -17.09
CA THR A 91 -1.31 -1.21 -18.13
C THR A 91 -1.06 -2.69 -18.40
N GLN A 92 -0.13 -3.31 -17.68
CA GLN A 92 0.17 -4.74 -17.81
C GLN A 92 0.53 -5.11 -19.24
N SER A 93 1.27 -4.24 -19.91
CA SER A 93 1.66 -4.45 -21.30
C SER A 93 3.15 -4.23 -21.45
N LEU A 94 3.82 -5.14 -22.15
CA LEU A 94 5.24 -4.98 -22.45
C LEU A 94 5.49 -3.86 -23.45
N ASN A 95 4.44 -3.42 -24.15
CA ASN A 95 4.55 -2.35 -25.13
C ASN A 95 3.84 -1.11 -24.63
N LEU A 96 4.45 0.05 -24.87
CA LEU A 96 3.88 1.31 -24.43
C LEU A 96 2.84 1.85 -25.40
N GLU A 97 2.99 1.56 -26.69
CA GLU A 97 2.09 2.05 -27.71
C GLU A 97 0.72 1.38 -27.66
N ALA A 98 0.56 0.35 -26.82
CA ALA A 98 -0.76 -0.28 -26.68
C ALA A 98 -1.78 0.69 -26.10
N PHE A 99 -1.33 1.65 -25.29
CA PHE A 99 -2.23 2.62 -24.68
C PHE A 99 -1.71 4.05 -24.69
N PHE A 100 -0.47 4.30 -25.11
CA PHE A 100 0.13 5.63 -24.95
C PHE A 100 0.76 6.10 -26.26
N LYS A 101 0.51 7.37 -26.58
CA LYS A 101 1.20 8.07 -27.65
C LYS A 101 1.56 9.46 -27.14
N THR A 102 2.71 9.97 -27.60
CA THR A 102 3.21 11.25 -27.12
C THR A 102 3.35 12.24 -28.27
N LYS A 103 3.14 13.51 -27.95
CA LYS A 103 3.31 14.62 -28.88
C LYS A 103 4.01 15.76 -28.17
N GLN A 104 4.77 16.54 -28.94
CA GLN A 104 5.55 17.66 -28.40
C GLN A 104 5.16 18.92 -29.16
N GLU A 105 4.53 19.87 -28.46
CA GLU A 105 4.10 21.12 -29.06
C GLU A 105 4.37 22.25 -28.08
N GLY A 106 5.15 23.24 -28.52
CA GLY A 106 5.54 24.34 -27.63
C GLY A 106 6.45 23.84 -26.53
N LYS A 107 6.31 24.45 -25.35
CA LYS A 107 6.97 23.95 -24.15
C LYS A 107 6.08 23.01 -23.35
N CYS A 108 5.06 22.42 -24.00
CA CYS A 108 4.18 21.45 -23.37
C CYS A 108 4.41 20.07 -23.99
N TYR A 109 4.00 19.04 -23.25
CA TYR A 109 4.20 17.65 -23.64
C TYR A 109 2.92 16.89 -23.31
N TYR A 110 2.41 16.13 -24.28
CA TYR A 110 1.13 15.47 -24.13
C TYR A 110 1.30 13.96 -24.24
N ILE A 111 0.63 13.23 -23.34
CA ILE A 111 0.60 11.78 -23.37
C ILE A 111 -0.86 11.37 -23.54
N PHE A 112 -1.20 10.88 -24.73
CA PHE A 112 -2.55 10.42 -25.00
C PHE A 112 -2.74 9.01 -24.45
N VAL A 113 -3.78 8.82 -23.65
CA VAL A 113 -4.02 7.57 -22.94
C VAL A 113 -5.31 6.98 -23.47
N LYS A 114 -5.20 5.84 -24.17
CA LYS A 114 -6.39 5.10 -24.57
C LYS A 114 -7.12 4.59 -23.34
N SER A 115 -8.45 4.55 -23.42
CA SER A 115 -9.25 4.05 -22.31
C SER A 115 -8.92 2.60 -22.04
N TRP A 116 -8.86 2.24 -20.76
CA TRP A 116 -8.65 0.86 -20.35
C TRP A 116 -9.89 0.06 -20.75
N SER A 117 -9.77 -0.69 -21.85
CA SER A 117 -10.91 -1.38 -22.45
C SER A 117 -11.04 -2.77 -21.83
N SER A 118 -11.63 -2.81 -20.64
CA SER A 118 -11.81 -4.07 -19.94
C SER A 118 -12.99 -4.85 -20.49
N ASP A 119 -14.16 -4.22 -20.58
CA ASP A 119 -15.33 -4.87 -21.17
C ASP A 119 -15.15 -4.96 -22.67
N LEU A 120 -14.25 -5.83 -23.12
CA LEU A 120 -14.02 -6.11 -24.52
C LEU A 120 -13.98 -7.61 -24.74
N PHE A 121 -14.17 -8.00 -26.00
CA PHE A 121 -14.02 -9.39 -26.42
C PHE A 121 -12.68 -9.51 -27.12
N THR A 122 -11.75 -10.26 -26.50
CA THR A 122 -10.41 -10.41 -27.02
C THR A 122 -9.98 -11.87 -26.91
N GLU A 123 -8.89 -12.20 -27.58
CA GLU A 123 -8.19 -13.46 -27.40
C GLU A 123 -7.02 -13.33 -26.43
N ASP A 124 -7.01 -12.25 -25.63
CA ASP A 124 -5.86 -11.94 -24.80
C ASP A 124 -5.58 -13.03 -23.77
N SER A 125 -6.65 -13.58 -23.18
CA SER A 125 -6.55 -14.55 -22.08
C SER A 125 -5.72 -13.91 -20.97
N SER A 126 -4.73 -14.60 -20.41
CA SER A 126 -3.93 -14.10 -19.29
C SER A 126 -4.85 -13.62 -18.17
N PHE A 127 -4.78 -12.34 -17.83
CA PHE A 127 -5.73 -11.74 -16.90
C PHE A 127 -5.80 -10.25 -17.16
N LYS A 128 -7.01 -9.75 -17.36
CA LYS A 128 -7.22 -8.32 -17.49
C LYS A 128 -8.06 -7.83 -16.33
N PRO A 129 -7.49 -7.06 -15.39
CA PRO A 129 -8.31 -6.47 -14.33
C PRO A 129 -9.30 -5.47 -14.92
N ARG A 130 -10.50 -5.44 -14.35
CA ARG A 130 -11.52 -4.51 -14.81
C ARG A 130 -11.06 -3.06 -14.69
N ILE A 131 -10.23 -2.76 -13.70
CA ILE A 131 -9.80 -1.39 -13.43
C ILE A 131 -8.29 -1.38 -13.25
N CYS A 132 -7.68 -0.23 -13.55
CA CYS A 132 -6.24 -0.06 -13.40
C CYS A 132 -5.90 0.44 -12.00
N SER A 133 -4.79 -0.05 -11.46
CA SER A 133 -4.35 0.32 -10.13
C SER A 133 -2.83 0.34 -10.08
N LEU A 134 -2.29 1.26 -9.27
CA LEU A 134 -0.86 1.21 -8.97
C LEU A 134 -0.56 0.11 -7.97
N SER A 135 -1.39 -0.02 -6.94
CA SER A 135 -1.24 -1.06 -5.94
C SER A 135 -2.62 -1.41 -5.39
N SER A 136 -2.84 -2.70 -5.13
CA SER A 136 -4.08 -3.14 -4.52
C SER A 136 -4.13 -2.85 -3.03
N SER A 137 -2.99 -2.52 -2.42
CA SER A 137 -2.88 -2.30 -0.97
C SER A 137 -3.40 -3.49 -0.17
N LEU A 138 -3.42 -4.67 -0.78
CA LEU A 138 -3.90 -5.90 -0.16
C LEU A 138 -2.71 -6.80 0.11
N TYR A 139 -2.42 -7.04 1.38
CA TYR A 139 -1.29 -7.85 1.78
C TYR A 139 -1.78 -9.12 2.46
N ILE A 140 -1.13 -10.24 2.13
CA ILE A 140 -1.42 -11.53 2.74
C ILE A 140 -0.15 -12.06 3.36
N ARG A 141 -0.32 -12.96 4.34
CA ARG A 141 0.79 -13.54 5.10
C ARG A 141 1.01 -14.96 4.64
N SER A 142 2.23 -15.27 4.20
CA SER A 142 2.60 -16.61 3.76
C SER A 142 3.89 -17.01 4.45
N GLY A 143 3.83 -18.01 5.33
CA GLY A 143 4.96 -18.38 6.15
C GLY A 143 5.36 -17.25 7.07
N THR A 144 6.61 -16.80 6.96
CA THR A 144 7.08 -15.62 7.68
C THR A 144 7.19 -14.41 6.76
N SER A 145 6.73 -14.50 5.53
CA SER A 145 6.74 -13.41 4.59
C SER A 145 5.34 -12.83 4.43
N VAL A 146 5.26 -11.50 4.30
CA VAL A 146 4.02 -10.80 3.99
C VAL A 146 4.19 -10.16 2.62
N LEU A 147 3.22 -10.41 1.74
CA LEU A 147 3.36 -10.11 0.32
C LEU A 147 2.23 -9.21 -0.14
N LEU A 148 2.55 -8.32 -1.08
CA LEU A 148 1.55 -7.48 -1.72
C LEU A 148 0.86 -8.27 -2.83
N MSE A 149 -0.47 -8.38 -2.75
CA MSE A 149 -1.23 -9.07 -3.79
C MSE A 149 -1.36 -8.22 -5.04
O MSE A 149 -1.71 -7.04 -4.97
CB MSE A 149 -2.61 -9.46 -3.26
CG MSE A 149 -2.61 -10.58 -2.23
SE MSE A 149 -4.41 -11.19 -1.79
CE MSE A 149 -4.62 -10.34 -0.05
N ASN A 150 -1.08 -8.82 -6.20
CA ASN A 150 -1.27 -8.12 -7.47
C ASN A 150 -2.71 -8.26 -7.93
N SER A 151 -3.01 -7.71 -9.12
CA SER A 151 -4.37 -7.73 -9.63
C SER A 151 -4.88 -9.15 -9.79
N ARG A 152 -4.05 -10.04 -10.33
CA ARG A 152 -4.45 -11.43 -10.52
C ARG A 152 -4.79 -12.09 -9.20
N ASP A 153 -3.88 -12.00 -8.23
CA ASP A 153 -4.07 -12.70 -6.97
C ASP A 153 -5.16 -12.04 -6.12
N ALA A 154 -5.23 -10.70 -6.13
CA ALA A 154 -6.21 -10.01 -5.31
C ALA A 154 -7.63 -10.25 -5.82
N PHE A 155 -7.81 -10.32 -7.13
CA PHE A 155 -9.14 -10.61 -7.68
C PHE A 155 -9.61 -11.99 -7.24
N HIS A 156 -8.80 -13.02 -7.50
CA HIS A 156 -9.17 -14.37 -7.08
C HIS A 156 -9.36 -14.45 -5.58
N PHE A 157 -8.49 -13.79 -4.81
CA PHE A 157 -8.70 -13.68 -3.38
C PHE A 157 -10.08 -13.10 -3.12
N LEU A 158 -10.29 -11.83 -3.49
CA LEU A 158 -11.57 -11.16 -3.25
C LEU A 158 -12.75 -12.00 -3.73
N ASN A 159 -12.61 -12.68 -4.87
CA ASN A 159 -13.71 -13.48 -5.39
C ASN A 159 -13.83 -14.79 -4.61
N THR A 160 -12.76 -15.57 -4.54
CA THR A 160 -12.81 -16.86 -3.85
C THR A 160 -12.90 -16.70 -2.34
N ARG A 161 -12.54 -15.54 -1.79
CA ARG A 161 -12.64 -15.34 -0.34
C ARG A 161 -14.06 -15.50 0.13
N LYS A 162 -15.03 -14.99 -0.63
CA LYS A 162 -16.42 -15.06 -0.18
C LYS A 162 -17.37 -15.35 -1.33
N MSE A 163 -16.98 -16.24 -2.21
CA MSE A 163 -17.95 -17.01 -2.98
C MSE A 163 -18.17 -18.27 -2.16
O MSE A 163 -19.21 -18.92 -2.23
CB MSE A 163 -17.47 -17.33 -4.39
CG MSE A 163 -17.53 -16.16 -5.37
SE MSE A 163 -19.32 -15.39 -5.54
CE MSE A 163 -20.08 -16.65 -6.82
N ASN A 164 -17.16 -18.57 -1.35
CA ASN A 164 -17.20 -19.66 -0.38
C ASN A 164 -16.38 -19.24 0.83
N ALA A 165 -16.95 -19.44 2.02
CA ALA A 165 -16.31 -18.98 3.26
C ALA A 165 -14.94 -19.64 3.47
N LEU A 169 -9.67 -21.35 13.07
CA LEU A 169 -8.37 -22.00 13.13
C LEU A 169 -7.36 -21.15 13.89
N HIS A 170 -7.87 -20.14 14.60
CA HIS A 170 -7.03 -19.24 15.37
C HIS A 170 -6.80 -19.82 16.76
N SER A 171 -5.54 -20.09 17.08
CA SER A 171 -5.14 -20.60 18.39
C SER A 171 -4.30 -19.56 19.09
N PRO A 172 -4.68 -19.10 20.28
CA PRO A 172 -3.88 -18.10 20.98
C PRO A 172 -2.66 -18.72 21.65
N TYR A 173 -1.60 -17.91 21.76
CA TYR A 173 -0.39 -18.30 22.46
C TYR A 173 -0.53 -17.94 23.93
N GLU A 174 -0.47 -18.93 24.80
CA GLU A 174 -0.60 -18.69 26.24
C GLU A 174 0.58 -17.95 26.83
N PHE A 175 1.65 -17.74 26.05
CA PHE A 175 2.79 -16.97 26.53
C PHE A 175 2.42 -15.53 26.84
N PHE A 176 1.38 -15.00 26.17
CA PHE A 176 1.00 -13.60 26.27
C PHE A 176 -0.01 -13.33 27.37
N GLN A 177 -0.26 -14.29 28.26
CA GLN A 177 -1.19 -14.10 29.36
C GLN A 177 -0.49 -13.76 30.68
N LYS A 178 0.83 -13.61 30.66
CA LYS A 178 1.57 -13.29 31.87
C LYS A 178 1.35 -11.82 32.25
N ASP A 179 1.63 -11.51 33.51
CA ASP A 179 1.52 -10.12 33.97
C ASP A 179 2.74 -9.29 33.60
N HIS A 180 3.86 -9.93 33.26
CA HIS A 180 5.07 -9.19 32.92
C HIS A 180 6.04 -10.13 32.22
N LEU A 181 7.01 -9.52 31.54
CA LEU A 181 8.15 -10.22 30.96
C LEU A 181 9.43 -9.79 31.67
N GLU A 182 10.43 -10.67 31.67
CA GLU A 182 11.75 -10.36 32.17
C GLU A 182 12.65 -9.90 31.02
N TYR A 183 13.43 -8.84 31.27
CA TYR A 183 14.38 -8.38 30.28
C TYR A 183 15.35 -9.49 29.91
N GLY A 184 15.59 -9.63 28.60
CA GLY A 184 16.51 -10.63 28.10
C GLY A 184 15.99 -12.04 28.05
N GLU A 185 14.75 -12.28 28.47
CA GLU A 185 14.20 -13.63 28.43
C GLU A 185 13.98 -14.07 26.98
N ILE A 186 14.34 -15.31 26.69
CA ILE A 186 14.26 -15.85 25.34
C ILE A 186 12.82 -16.25 25.06
N VAL A 187 12.30 -15.82 23.91
CA VAL A 187 10.95 -16.19 23.48
C VAL A 187 10.96 -17.66 23.09
N PRO A 188 10.14 -18.50 23.72
CA PRO A 188 10.26 -19.95 23.53
C PRO A 188 9.76 -20.48 22.20
N PHE A 189 9.08 -19.66 21.40
CA PHE A 189 8.52 -20.14 20.14
C PHE A 189 9.05 -19.31 18.97
N PRO A 190 9.09 -19.89 17.78
CA PRO A 190 9.69 -19.19 16.63
C PRO A 190 8.67 -18.39 15.82
N GLU A 191 9.19 -17.40 15.10
CA GLU A 191 8.41 -16.71 14.09
C GLU A 191 7.84 -17.71 13.09
N SER A 192 6.57 -17.54 12.74
CA SER A 192 5.92 -18.51 11.87
C SER A 192 4.69 -17.85 11.23
N GLN A 193 3.81 -18.69 10.69
CA GLN A 193 2.59 -18.19 10.05
C GLN A 193 1.71 -17.42 11.01
N SER A 194 1.81 -17.70 12.31
CA SER A 194 0.89 -17.14 13.29
C SER A 194 1.54 -16.14 14.24
N ILE A 195 2.83 -15.86 14.11
CA ILE A 195 3.51 -14.96 15.03
C ILE A 195 4.63 -14.24 14.29
N GLU A 196 4.82 -12.96 14.63
CA GLU A 196 5.83 -12.12 13.99
C GLU A 196 6.54 -11.30 15.06
N PHE A 197 7.87 -11.27 14.99
CA PHE A 197 8.69 -10.48 15.91
C PHE A 197 9.24 -9.26 15.17
N LYS A 198 9.27 -8.12 15.87
CA LYS A 198 9.95 -6.93 15.39
C LYS A 198 10.55 -6.19 16.57
N GLN A 199 11.75 -5.64 16.37
CA GLN A 199 12.39 -4.83 17.39
C GLN A 199 11.75 -3.44 17.45
N PHE A 200 11.96 -2.77 18.57
CA PHE A 200 11.57 -1.38 18.70
C PHE A 200 12.67 -0.48 18.16
N SER A 201 12.28 0.56 17.43
CA SER A 201 13.23 1.55 16.95
C SER A 201 13.91 2.23 18.14
N THR A 202 15.15 2.67 17.94
CA THR A 202 15.87 3.34 19.01
C THR A 202 15.25 4.70 19.31
N LYS A 203 14.77 5.39 18.28
CA LYS A 203 14.13 6.68 18.41
C LYS A 203 12.82 6.68 17.62
N ARG A 204 11.96 7.64 17.95
CA ARG A 204 10.69 7.85 17.26
C ARG A 204 9.86 6.56 17.27
N ILE A 205 9.41 6.22 18.48
CA ILE A 205 8.77 4.93 18.72
C ILE A 205 7.44 4.85 17.97
N GLN A 206 6.51 5.75 18.30
CA GLN A 206 5.17 5.65 17.73
C GLN A 206 5.16 5.86 16.23
N GLU A 207 6.13 6.63 15.70
CA GLU A 207 6.25 6.75 14.26
C GLU A 207 6.65 5.42 13.64
N TYR A 208 7.55 4.68 14.28
CA TYR A 208 7.93 3.37 13.80
C TYR A 208 6.76 2.39 13.89
N VAL A 209 6.09 2.37 15.04
CA VAL A 209 4.97 1.44 15.24
C VAL A 209 3.89 1.69 14.20
N LYS A 210 3.52 2.95 14.00
CA LYS A 210 2.46 3.27 13.04
C LYS A 210 2.84 2.93 11.60
N SER A 211 4.13 2.73 11.32
CA SER A 211 4.54 2.37 9.96
C SER A 211 4.40 0.87 9.70
N ILE A 212 4.49 0.04 10.74
CA ILE A 212 4.52 -1.40 10.55
C ILE A 212 3.14 -2.01 10.80
N ILE A 213 2.33 -1.35 11.63
CA ILE A 213 1.03 -1.92 12.00
C ILE A 213 0.15 -2.19 10.79
N PRO A 214 -0.06 -1.27 9.85
CA PRO A 214 -1.04 -1.56 8.78
C PRO A 214 -0.74 -2.80 7.97
N GLU A 215 0.51 -2.99 7.57
CA GLU A 215 0.84 -4.09 6.66
C GLU A 215 0.78 -5.44 7.37
N TYR A 216 1.43 -5.55 8.53
CA TYR A 216 1.49 -6.84 9.22
C TYR A 216 0.12 -7.26 9.74
N ILE A 217 -0.64 -6.33 10.32
CA ILE A 217 -1.94 -6.68 10.89
C ILE A 217 -2.93 -7.04 9.79
N SER A 218 -2.93 -6.29 8.69
CA SER A 218 -3.82 -6.59 7.57
C SER A 218 -3.55 -7.98 7.01
N ALA A 219 -2.27 -8.36 6.90
CA ALA A 219 -1.92 -9.67 6.37
C ALA A 219 -2.40 -10.78 7.29
N PHE A 220 -2.31 -10.57 8.61
CA PHE A 220 -2.78 -11.58 9.55
C PHE A 220 -4.27 -11.80 9.41
N ALA A 221 -5.06 -10.73 9.35
CA ALA A 221 -6.51 -10.86 9.30
C ALA A 221 -6.98 -11.55 8.02
N ASN A 222 -6.23 -11.39 6.93
CA ASN A 222 -6.65 -11.94 5.64
C ASN A 222 -6.34 -13.42 5.49
N THR A 223 -5.61 -14.03 6.42
CA THR A 223 -5.34 -15.46 6.33
C THR A 223 -6.48 -16.25 6.95
N GLU A 224 -6.32 -17.58 6.97
CA GLU A 224 -7.37 -18.44 7.50
C GLU A 224 -7.31 -18.54 9.02
N GLU A 225 -6.14 -18.32 9.62
CA GLU A 225 -5.95 -18.55 11.04
C GLU A 225 -5.57 -17.29 11.81
N GLY A 226 -5.34 -16.16 11.14
CA GLY A 226 -4.91 -14.97 11.85
C GLY A 226 -3.51 -15.14 12.41
N GLY A 227 -3.17 -14.26 13.34
CA GLY A 227 -1.86 -14.32 13.95
C GLY A 227 -1.70 -13.26 15.02
N SER A 228 -0.45 -13.10 15.45
CA SER A 228 -0.11 -12.18 16.52
C SER A 228 1.16 -11.43 16.18
N LEU A 229 1.20 -10.13 16.52
CA LEU A 229 2.35 -9.28 16.33
C LEU A 229 2.96 -8.94 17.68
N PHE A 230 4.26 -9.19 17.82
CA PHE A 230 4.95 -9.07 19.12
C PHE A 230 6.14 -8.14 18.94
N ILE A 231 6.04 -6.94 19.51
CA ILE A 231 7.05 -5.89 19.35
C ILE A 231 7.82 -5.75 20.65
N GLY A 232 9.15 -5.84 20.56
CA GLY A 232 10.01 -5.75 21.72
C GLY A 232 11.00 -6.90 21.79
N VAL A 233 11.13 -7.62 20.69
CA VAL A 233 11.95 -8.83 20.62
C VAL A 233 13.17 -8.55 19.76
N ASP A 234 14.35 -8.85 20.30
CA ASP A 234 15.58 -8.73 19.52
C ASP A 234 15.54 -9.68 18.33
N ASP A 235 16.04 -9.21 17.19
CA ASP A 235 15.92 -9.98 15.95
C ASP A 235 16.85 -11.19 15.94
N LYS A 236 18.02 -11.09 16.56
CA LYS A 236 18.98 -12.21 16.53
C LYS A 236 18.84 -13.09 17.76
N SER A 237 19.00 -12.52 18.95
CA SER A 237 18.98 -13.33 20.17
C SER A 237 17.57 -13.76 20.56
N LYS A 238 16.53 -13.19 19.95
CA LYS A 238 15.13 -13.48 20.27
C LYS A 238 14.82 -13.20 21.74
N LYS A 239 15.58 -12.32 22.37
CA LYS A 239 15.36 -11.96 23.77
C LYS A 239 14.39 -10.79 23.85
N VAL A 240 13.60 -10.78 24.92
CA VAL A 240 12.63 -9.71 25.15
C VAL A 240 13.39 -8.48 25.64
N LEU A 241 13.41 -7.44 24.80
CA LEU A 241 14.07 -6.19 25.14
C LEU A 241 13.09 -5.05 25.34
N GLY A 242 12.14 -4.88 24.43
CA GLY A 242 11.20 -3.79 24.51
C GLY A 242 11.89 -2.44 24.37
N CYS A 243 11.10 -1.40 24.59
CA CYS A 243 11.59 -0.03 24.61
C CYS A 243 11.63 0.46 26.05
N ALA A 244 12.70 1.18 26.39
CA ALA A 244 12.83 1.70 27.75
C ALA A 244 11.67 2.62 28.09
N LYS A 245 11.25 2.59 29.36
CA LYS A 245 10.08 3.37 29.78
C LYS A 245 10.30 4.86 29.62
N GLU A 246 11.55 5.30 29.51
CA GLU A 246 11.84 6.73 29.32
C GLU A 246 11.53 7.22 27.92
N LYS A 247 11.46 6.32 26.93
CA LYS A 247 11.28 6.73 25.54
C LYS A 247 9.82 6.79 25.11
N VAL A 248 8.92 6.07 25.78
CA VAL A 248 7.51 6.03 25.40
C VAL A 248 6.64 6.11 26.65
N ASP A 249 5.38 6.47 26.42
CA ASP A 249 4.32 6.30 27.40
C ASP A 249 3.45 5.14 26.94
N CYS A 250 3.30 4.13 27.80
CA CYS A 250 2.56 2.94 27.40
C CYS A 250 1.10 3.24 27.11
N ASP A 251 0.56 4.30 27.72
CA ASP A 251 -0.81 4.72 27.40
C ASP A 251 -0.93 5.17 25.96
N SER A 252 -0.01 6.02 25.50
CA SER A 252 -0.05 6.48 24.13
C SER A 252 0.28 5.36 23.15
N LEU A 253 1.13 4.41 23.56
CA LEU A 253 1.47 3.30 22.67
C LEU A 253 0.25 2.42 22.42
N LYS A 254 -0.47 2.06 23.49
CA LYS A 254 -1.67 1.24 23.33
C LYS A 254 -2.70 1.92 22.45
N LYS A 255 -2.88 3.23 22.61
CA LYS A 255 -3.87 3.97 21.82
C LYS A 255 -3.44 4.07 20.36
N THR A 256 -2.16 4.38 20.13
CA THR A 256 -1.67 4.51 18.76
C THR A 256 -1.87 3.22 17.97
N ILE A 257 -1.57 2.08 18.58
CA ILE A 257 -1.70 0.81 17.87
C ILE A 257 -3.16 0.50 17.58
N GLU A 258 -4.04 0.73 18.58
CA GLU A 258 -5.47 0.53 18.35
C GLU A 258 -6.00 1.47 17.28
N ASN A 259 -5.45 2.69 17.19
CA ASN A 259 -5.96 3.65 16.23
C ASN A 259 -5.57 3.28 14.80
N ALA A 260 -4.29 2.98 14.57
CA ALA A 260 -3.85 2.58 13.24
C ALA A 260 -4.59 1.35 12.75
N ILE A 261 -4.98 0.46 13.66
CA ILE A 261 -5.75 -0.72 13.28
C ILE A 261 -7.17 -0.34 12.90
N TYR A 262 -7.81 0.53 13.69
CA TYR A 262 -9.18 0.95 13.39
C TYR A 262 -9.26 1.72 12.07
N LYS A 263 -8.17 2.37 11.67
CA LYS A 263 -8.14 3.13 10.43
C LYS A 263 -7.98 2.25 9.20
N LEU A 264 -7.67 0.96 9.37
CA LEU A 264 -7.45 0.08 8.23
C LEU A 264 -8.76 -0.11 7.46
N PRO A 265 -8.77 0.13 6.15
CA PRO A 265 -10.01 -0.05 5.38
C PRO A 265 -10.47 -1.50 5.40
N CYS A 266 -11.78 -1.68 5.50
CA CYS A 266 -12.38 -3.00 5.66
C CYS A 266 -13.51 -3.18 4.67
N VAL A 267 -13.62 -4.39 4.12
CA VAL A 267 -14.70 -4.77 3.21
C VAL A 267 -15.16 -6.16 3.58
N HIS A 268 -16.43 -6.30 3.94
CA HIS A 268 -16.98 -7.59 4.35
C HIS A 268 -17.59 -8.32 3.15
N CYS A 274 -18.91 -4.55 10.16
CA CYS A 274 -18.04 -5.52 10.82
C CYS A 274 -16.62 -4.94 10.98
N GLN A 275 -16.08 -5.07 12.19
CA GLN A 275 -14.71 -4.68 12.47
C GLN A 275 -13.82 -5.93 12.48
N ILE A 276 -12.53 -5.71 12.65
CA ILE A 276 -11.61 -6.82 12.84
C ILE A 276 -11.64 -7.25 14.30
N ASP A 277 -11.66 -8.55 14.54
CA ASP A 277 -11.66 -9.10 15.88
C ASP A 277 -10.22 -9.14 16.37
N PHE A 278 -9.81 -8.11 17.10
CA PHE A 278 -8.43 -7.98 17.54
C PHE A 278 -8.38 -7.48 18.97
N THR A 279 -7.18 -7.51 19.55
CA THR A 279 -6.94 -7.04 20.90
C THR A 279 -5.48 -6.65 21.03
N VAL A 280 -5.22 -5.55 21.74
CA VAL A 280 -3.87 -5.05 21.97
C VAL A 280 -3.60 -5.10 23.46
N LYS A 281 -2.45 -5.69 23.83
CA LYS A 281 -2.07 -5.83 25.23
C LYS A 281 -0.68 -5.25 25.42
N ILE A 282 -0.51 -4.43 26.46
CA ILE A 282 0.77 -3.86 26.83
C ILE A 282 1.35 -4.68 27.98
N LEU A 283 2.60 -5.12 27.83
CA LEU A 283 3.27 -5.95 28.82
C LEU A 283 4.46 -5.17 29.38
N ASN A 284 4.55 -5.12 30.70
CA ASN A 284 5.66 -4.46 31.37
C ASN A 284 6.91 -5.33 31.32
N VAL A 285 8.03 -4.75 30.91
CA VAL A 285 9.31 -5.44 30.89
C VAL A 285 10.03 -5.12 32.20
N LEU A 286 10.19 -6.12 33.05
CA LEU A 286 10.77 -5.94 34.37
C LEU A 286 12.21 -6.42 34.39
N ALA A 287 12.98 -5.87 35.33
CA ALA A 287 14.37 -6.26 35.55
C ALA A 287 14.57 -6.39 37.06
N LYS A 288 14.53 -7.63 37.56
CA LYS A 288 14.68 -7.92 38.98
C LYS A 288 13.63 -7.20 39.83
N GLY A 289 12.45 -6.98 39.27
CA GLY A 289 11.35 -6.36 39.98
C GLY A 289 11.11 -4.90 39.61
N GLU A 290 12.03 -4.27 38.87
CA GLU A 290 11.92 -2.86 38.53
C GLU A 290 11.50 -2.69 37.08
N LEU A 291 10.61 -1.74 36.83
CA LEU A 291 10.10 -1.48 35.50
C LEU A 291 11.21 -0.92 34.61
N TYR A 292 11.55 -1.63 33.54
CA TYR A 292 12.49 -1.12 32.56
C TYR A 292 11.76 -0.45 31.39
N GLY A 293 10.74 -1.11 30.86
CA GLY A 293 10.01 -0.59 29.73
C GLY A 293 8.80 -1.43 29.37
N TYR A 294 8.46 -1.48 28.08
CA TYR A 294 7.24 -2.16 27.65
C TYR A 294 7.49 -2.96 26.39
N ALA A 295 6.81 -4.08 26.28
CA ALA A 295 6.63 -4.82 25.04
C ALA A 295 5.16 -4.77 24.66
N CYS A 296 4.87 -5.09 23.41
CA CYS A 296 3.50 -4.98 22.93
C CYS A 296 3.15 -6.18 22.05
N VAL A 297 1.94 -6.70 22.25
CA VAL A 297 1.43 -7.84 21.50
C VAL A 297 0.06 -7.48 20.94
N ILE A 298 -0.15 -7.75 19.66
CA ILE A 298 -1.42 -7.51 18.99
C ILE A 298 -1.89 -8.84 18.42
N GLU A 299 -3.01 -9.35 18.94
CA GLU A 299 -3.61 -10.60 18.49
C GLU A 299 -4.83 -10.28 17.64
N VAL A 300 -4.86 -10.82 16.42
CA VAL A 300 -5.93 -10.54 15.46
C VAL A 300 -6.53 -11.86 15.02
N LYS A 301 -7.87 -11.95 15.06
CA LYS A 301 -8.60 -13.12 14.60
C LYS A 301 -8.74 -13.11 13.08
N PRO A 302 -8.97 -14.26 12.46
CA PRO A 302 -9.24 -14.28 11.03
C PRO A 302 -10.50 -13.49 10.71
N PHE A 303 -10.42 -12.66 9.68
CA PHE A 303 -11.56 -11.84 9.27
C PHE A 303 -12.19 -12.44 8.03
N CYS A 304 -13.50 -12.68 8.10
CA CYS A 304 -14.26 -13.22 6.98
C CYS A 304 -14.51 -12.09 5.99
N GLY A 305 -13.48 -11.78 5.22
CA GLY A 305 -13.52 -10.68 4.27
C GLY A 305 -12.10 -10.26 3.91
N ALA A 306 -11.96 -8.98 3.55
CA ALA A 306 -10.68 -8.43 3.15
C ALA A 306 -10.35 -7.21 4.01
N ILE A 307 -9.10 -7.15 4.47
CA ILE A 307 -8.59 -6.01 5.22
C ILE A 307 -7.42 -5.43 4.45
N PHE A 308 -7.46 -4.12 4.21
CA PHE A 308 -6.47 -3.43 3.42
C PHE A 308 -5.48 -2.68 4.31
N SER A 309 -4.23 -2.60 3.85
CA SER A 309 -3.24 -1.78 4.56
C SER A 309 -3.51 -0.30 4.36
N GLU A 310 -4.05 0.08 3.21
CA GLU A 310 -4.40 1.46 2.90
C GLU A 310 -5.71 1.43 2.12
N ALA A 311 -6.10 2.59 1.60
CA ALA A 311 -7.05 2.58 0.51
C ALA A 311 -6.38 1.98 -0.72
N PRO A 312 -7.15 1.32 -1.60
CA PRO A 312 -6.56 0.85 -2.86
C PRO A 312 -5.97 2.01 -3.64
N ARG A 313 -4.74 1.81 -4.13
CA ARG A 313 -3.95 2.87 -4.74
C ARG A 313 -4.36 3.03 -6.20
N SER A 314 -5.50 3.68 -6.41
CA SER A 314 -5.99 3.92 -7.76
C SER A 314 -6.91 5.13 -7.74
N TRP A 315 -7.12 5.70 -8.93
CA TRP A 315 -7.87 6.94 -9.08
C TRP A 315 -8.81 6.83 -10.26
N MSE A 316 -9.70 7.80 -10.35
CA MSE A 316 -10.69 7.89 -11.42
C MSE A 316 -11.28 9.29 -11.37
O MSE A 316 -11.35 9.89 -10.31
CB MSE A 316 -11.77 6.82 -11.25
CG MSE A 316 -12.62 6.59 -12.48
SE MSE A 316 -14.19 5.53 -12.06
CE MSE A 316 -14.88 6.63 -10.62
N VAL A 317 -11.71 9.83 -12.50
CA VAL A 317 -12.32 11.16 -12.52
C VAL A 317 -13.81 11.00 -12.24
N LYS A 318 -14.29 11.74 -11.24
CA LYS A 318 -15.70 11.71 -10.85
C LYS A 318 -16.23 13.13 -10.97
N ASP A 319 -17.19 13.32 -11.87
CA ASP A 319 -17.71 14.63 -12.23
C ASP A 319 -16.56 15.52 -12.73
N LYS A 320 -16.15 16.53 -11.95
CA LYS A 320 -15.13 17.45 -12.43
C LYS A 320 -13.80 17.35 -11.67
N LEU A 321 -13.62 16.30 -10.87
CA LEU A 321 -12.46 16.22 -10.01
C LEU A 321 -11.76 14.87 -10.14
N ILE A 322 -10.43 14.89 -10.01
CA ILE A 322 -9.68 13.64 -9.81
C ILE A 322 -9.80 13.27 -8.34
N CYS A 323 -10.56 12.22 -8.05
CA CYS A 323 -10.65 11.77 -6.68
C CYS A 323 -10.24 10.30 -6.60
N PRO A 324 -9.60 9.89 -5.50
CA PRO A 324 -9.25 8.48 -5.35
C PRO A 324 -10.49 7.62 -5.18
N LEU A 325 -10.34 6.35 -5.53
CA LEU A 325 -11.45 5.41 -5.44
C LEU A 325 -11.63 4.94 -4.00
N ALA A 326 -12.87 4.97 -3.52
CA ALA A 326 -13.17 4.40 -2.22
C ALA A 326 -12.91 2.90 -2.24
N THR A 327 -12.67 2.34 -1.06
CA THR A 327 -12.34 0.91 -0.95
C THR A 327 -13.49 0.06 -1.46
N GLN A 328 -14.71 0.33 -0.97
CA GLN A 328 -15.89 -0.38 -1.45
C GLN A 328 -16.06 -0.25 -2.96
N ASP A 329 -15.76 0.92 -3.51
CA ASP A 329 -15.86 1.12 -4.95
C ASP A 329 -14.83 0.27 -5.69
N TRP A 330 -13.57 0.33 -5.27
CA TRP A 330 -12.52 -0.41 -5.95
C TRP A 330 -12.80 -1.92 -5.93
N VAL A 331 -13.23 -2.44 -4.78
CA VAL A 331 -13.52 -3.86 -4.68
C VAL A 331 -14.72 -4.22 -5.56
N ASN A 332 -15.80 -3.44 -5.46
CA ASN A 332 -16.98 -3.72 -6.27
C ASN A 332 -16.65 -3.69 -7.76
N MSE A 333 -15.83 -2.74 -8.19
CA MSE A 333 -15.46 -2.65 -9.60
C MSE A 333 -14.56 -3.81 -10.02
O MSE A 333 -14.75 -4.37 -11.10
CB MSE A 333 -14.76 -1.32 -9.88
CG MSE A 333 -15.65 -0.09 -9.73
SE MSE A 333 -14.77 1.57 -10.23
CE MSE A 333 -15.19 1.57 -12.14
N MSE A 334 -13.63 -4.18 -9.16
CA MSE A 334 -12.65 -5.22 -9.48
C MSE A 334 -13.29 -6.57 -9.81
O MSE A 334 -12.91 -7.20 -10.80
CB MSE A 334 -11.67 -5.40 -8.32
CG MSE A 334 -10.46 -4.48 -8.38
SE MSE A 334 -9.37 -4.78 -9.97
CE MSE A 334 -9.07 -6.70 -9.78
N LEU A 335 -14.24 -7.02 -9.00
CA LEU A 335 -14.82 -8.35 -9.16
C LEU A 335 -16.17 -8.35 -9.87
N ASP A 336 -16.54 -7.24 -10.52
CA ASP A 336 -17.72 -7.21 -11.38
C ASP A 336 -17.39 -7.61 -12.81
N THR A 337 -16.27 -8.30 -13.03
CA THR A 337 -15.92 -8.84 -14.34
C THR A 337 -16.41 -10.27 -14.48
#